data_7REE
#
_entry.id   7REE
#
_cell.length_a   114.050
_cell.length_b   69.095
_cell.length_c   49.787
_cell.angle_alpha   90.000
_cell.angle_beta   97.870
_cell.angle_gamma   90.000
#
_symmetry.space_group_name_H-M   'C 1 2 1'
#
loop_
_entity.id
_entity.type
_entity.pdbx_description
1 polymer 'Tyrosine-protein kinase JAK2'
2 non-polymer [3-(4-{2-[3,5-difluoro-4-(1-methyl-1,2,3,6-tetrahydropyridin-4-yl)anilino]-7H-pyrrolo[2,3-d]pyrimidin-4-yl}-1H-pyrazol-1-yl)-1-(ethanesulfonyl)azetidin-3-yl]acetonitrile
3 water water
#
_entity_poly.entity_id   1
_entity_poly.type   'polypeptide(L)'
_entity_poly.pdbx_seq_one_letter_code
;AFARDPTQFEERHLKFLQQLGKGNFGSVEMCRYDPLQDNTGEVVAVKKLQHSTEEHLRDFEREIEILKSLQHDNIVKYKG
VCYSAGRRNLKLIMEYLPYGSLRDYLQKHKERIDHIKLLQYTSQICKGMEYLGTKRYIHRDLATRNILVENENRVKIGDF
GLTKVLPQDKE(PTR)YKVKEPGESPIFWYAPESLTESKFSVASDVWSFGVVLYELFTYIEKSKSPPAEFMRMIGNDKQG
QMIVFHLIELLKNNGRLPRPDGCPDEIYMIMTECWNNNVNQRPSFRDLALRVDQIRDNMAG
;
_entity_poly.pdbx_strand_id   A
#
loop_
_chem_comp.id
_chem_comp.type
_chem_comp.name
_chem_comp.formula
4LY non-polymer [3-(4-{2-[3,5-difluoro-4-(1-methyl-1,2,3,6-tetrahydropyridin-4-yl)anilino]-7H-pyrrolo[2,3-d]pyrimidin-4-yl}-1H-pyrazol-1-yl)-1-(ethanesulfonyl)azetidin-3-yl]acetonitrile 'C28 H29 F2 N9 O2 S'
#
# COMPACT_ATOMS: atom_id res chain seq x y z
N ALA A 1 11.11 19.53 19.62
CA ALA A 1 12.38 19.53 18.90
C ALA A 1 12.18 19.03 17.46
N PHE A 2 13.14 19.32 16.60
CA PHE A 2 13.11 18.81 15.22
C PHE A 2 13.40 17.31 15.22
N ALA A 3 12.42 16.52 14.80
CA ALA A 3 12.58 15.07 14.78
C ALA A 3 13.62 14.63 13.75
N ARG A 4 13.86 15.42 12.72
CA ARG A 4 14.87 15.16 11.71
C ARG A 4 15.91 16.27 11.71
N ASP A 5 17.03 16.01 11.05
CA ASP A 5 18.04 17.03 10.82
C ASP A 5 17.47 18.09 9.89
N PRO A 6 17.27 19.33 10.34
CA PRO A 6 16.65 20.34 9.46
C PRO A 6 17.60 20.96 8.47
N THR A 7 18.89 20.64 8.54
CA THR A 7 19.85 21.22 7.62
C THR A 7 20.18 20.28 6.46
N GLN A 8 19.62 19.07 6.44
CA GLN A 8 20.00 18.07 5.46
C GLN A 8 19.45 18.37 4.08
N PHE A 9 18.20 18.83 4.01
CA PHE A 9 17.51 19.14 2.75
C PHE A 9 16.99 20.55 2.90
N GLU A 10 17.76 21.52 2.45
CA GLU A 10 17.36 22.91 2.57
C GLU A 10 16.43 23.25 1.42
N GLU A 11 15.32 23.93 1.73
CA GLU A 11 14.30 24.13 0.71
C GLU A 11 14.82 24.89 -0.51
N ARG A 12 15.77 25.83 -0.31
CA ARG A 12 16.26 26.59 -1.46
C ARG A 12 17.00 25.74 -2.49
N HIS A 13 17.48 24.56 -2.12
CA HIS A 13 18.16 23.71 -3.08
C HIS A 13 17.30 22.56 -3.58
N LEU A 14 16.05 22.44 -3.14
CA LEU A 14 15.18 21.36 -3.55
C LEU A 14 14.34 21.86 -4.73
N LYS A 15 14.63 21.37 -5.93
CA LYS A 15 14.05 21.95 -7.12
C LYS A 15 13.00 21.00 -7.72
N PHE A 16 11.82 21.53 -8.00
CA PHE A 16 10.76 20.72 -8.56
C PHE A 16 11.06 20.36 -10.01
N LEU A 17 10.76 19.11 -10.35
CA LEU A 17 10.84 18.64 -11.73
C LEU A 17 9.48 18.25 -12.29
N GLN A 18 8.76 17.34 -11.65
CA GLN A 18 7.55 16.76 -12.27
C GLN A 18 6.62 16.28 -11.18
N GLN A 19 5.31 16.33 -11.40
CA GLN A 19 4.39 15.65 -10.48
C GLN A 19 4.39 14.15 -10.77
N LEU A 20 4.38 13.35 -9.71
CA LEU A 20 4.32 11.89 -9.84
C LEU A 20 2.99 11.29 -9.39
N GLY A 21 2.41 11.80 -8.30
CA GLY A 21 1.15 11.26 -7.81
C GLY A 21 0.41 12.36 -7.08
N LYS A 22 -0.91 12.21 -6.99
CA LYS A 22 -1.71 13.26 -6.37
C LYS A 22 -3.00 12.67 -5.86
N GLY A 23 -3.36 13.01 -4.63
CA GLY A 23 -4.66 12.67 -4.09
C GLY A 23 -5.28 13.89 -3.45
N ASN A 24 -6.39 13.64 -2.75
CA ASN A 24 -7.11 14.73 -2.13
C ASN A 24 -6.33 15.33 -0.97
N PHE A 25 -5.44 14.55 -0.33
CA PHE A 25 -4.75 15.03 0.88
C PHE A 25 -3.24 14.98 0.79
N GLY A 26 -2.69 14.60 -0.34
CA GLY A 26 -1.24 14.55 -0.46
C GLY A 26 -0.85 14.46 -1.91
N SER A 27 0.44 14.70 -2.18
CA SER A 27 0.97 14.53 -3.51
C SER A 27 2.44 14.17 -3.41
N VAL A 28 2.95 13.52 -4.44
CA VAL A 28 4.36 13.20 -4.52
C VAL A 28 4.91 13.81 -5.79
N GLU A 29 6.07 14.49 -5.67
CA GLU A 29 6.71 15.16 -6.79
C GLU A 29 8.13 14.64 -6.97
N MET A 30 8.59 14.61 -8.19
CA MET A 30 9.97 14.33 -8.53
C MET A 30 10.73 15.63 -8.38
N CYS A 31 11.79 15.67 -7.62
CA CYS A 31 12.59 16.86 -7.39
C CYS A 31 14.05 16.52 -7.54
N ARG A 32 14.90 17.54 -7.56
CA ARG A 32 16.32 17.26 -7.60
C ARG A 32 16.94 18.11 -6.51
N TYR A 33 17.82 17.51 -5.69
CA TYR A 33 18.46 18.22 -4.59
C TYR A 33 19.87 18.55 -5.03
N ASP A 34 20.11 19.85 -5.20
CA ASP A 34 21.31 20.38 -5.83
C ASP A 34 21.96 21.41 -4.92
N PRO A 35 22.57 20.96 -3.82
CA PRO A 35 23.16 21.94 -2.90
C PRO A 35 24.34 22.68 -3.51
N LEU A 36 25.04 22.08 -4.46
CA LEU A 36 26.15 22.76 -5.12
C LEU A 36 25.69 23.81 -6.14
N GLN A 37 24.38 23.94 -6.36
CA GLN A 37 23.80 24.96 -7.23
C GLN A 37 24.44 24.94 -8.63
N ASP A 38 24.78 23.74 -9.10
CA ASP A 38 25.47 23.59 -10.37
C ASP A 38 24.72 22.69 -11.36
N GLY A 41 23.06 16.89 -8.76
CA GLY A 41 22.46 16.50 -7.50
C GLY A 41 21.62 15.25 -7.68
N GLU A 42 21.07 14.76 -6.57
CA GLU A 42 20.29 13.53 -6.66
C GLU A 42 18.83 13.83 -6.99
N VAL A 43 18.23 13.00 -7.85
CA VAL A 43 16.77 13.02 -8.03
C VAL A 43 16.12 12.27 -6.89
N VAL A 44 15.12 12.88 -6.27
CA VAL A 44 14.41 12.35 -5.10
C VAL A 44 12.91 12.49 -5.28
N ALA A 45 12.16 11.76 -4.48
CA ALA A 45 10.71 11.89 -4.46
C ALA A 45 10.32 12.64 -3.19
N VAL A 46 9.38 13.59 -3.30
CA VAL A 46 9.03 14.45 -2.18
C VAL A 46 7.54 14.35 -1.98
N LYS A 47 7.11 13.97 -0.80
CA LYS A 47 5.68 13.91 -0.47
C LYS A 47 5.32 15.13 0.36
N LYS A 48 4.19 15.73 0.01
CA LYS A 48 3.69 16.88 0.71
C LYS A 48 2.21 16.71 0.92
N LEU A 49 1.68 17.41 1.91
CA LEU A 49 0.24 17.41 2.13
C LEU A 49 -0.46 18.32 1.12
N GLN A 50 -1.77 18.08 0.97
CA GLN A 50 -2.66 18.98 0.25
C GLN A 50 -3.86 19.17 1.15
N HIS A 51 -4.42 20.39 1.15
CA HIS A 51 -5.58 20.68 1.99
C HIS A 51 -5.27 20.32 3.44
N SER A 52 -4.14 20.83 3.90
CA SER A 52 -3.56 20.45 5.18
C SER A 52 -4.39 21.04 6.31
N THR A 53 -4.34 20.37 7.46
CA THR A 53 -4.97 20.79 8.71
C THR A 53 -4.01 20.38 9.84
N GLU A 54 -4.22 20.93 11.04
CA GLU A 54 -3.39 20.53 12.17
C GLU A 54 -3.46 19.02 12.40
N GLU A 55 -4.63 18.42 12.25
CA GLU A 55 -4.75 16.99 12.48
C GLU A 55 -4.04 16.20 11.39
N HIS A 56 -4.11 16.68 10.14
CA HIS A 56 -3.38 15.98 9.09
C HIS A 56 -1.87 16.16 9.23
N LEU A 57 -1.41 17.35 9.66
CA LEU A 57 0.02 17.52 9.95
C LEU A 57 0.49 16.59 11.06
N ARG A 58 -0.29 16.44 12.13
CA ARG A 58 0.11 15.49 13.18
C ARG A 58 0.19 14.07 12.63
N ASP A 59 -0.81 13.67 11.81
CA ASP A 59 -0.74 12.35 11.20
C ASP A 59 0.48 12.22 10.31
N PHE A 60 0.80 13.28 9.57
CA PHE A 60 1.96 13.21 8.67
C PHE A 60 3.23 13.03 9.47
N GLU A 61 3.34 13.69 10.61
CA GLU A 61 4.52 13.49 11.45
C GLU A 61 4.63 12.03 11.90
N ARG A 62 3.48 11.42 12.25
CA ARG A 62 3.51 10.01 12.61
C ARG A 62 3.91 9.15 11.43
N GLU A 63 3.45 9.52 10.23
CA GLU A 63 3.80 8.78 9.01
C GLU A 63 5.31 8.85 8.72
N ILE A 64 5.87 10.03 8.87
CA ILE A 64 7.30 10.21 8.66
C ILE A 64 8.07 9.38 9.67
N GLU A 65 7.65 9.40 10.93
CA GLU A 65 8.33 8.60 11.94
C GLU A 65 8.27 7.12 11.59
N ILE A 66 7.10 6.67 11.13
CA ILE A 66 6.95 5.28 10.67
C ILE A 66 7.96 4.96 9.58
N LEU A 67 7.99 5.77 8.51
CA LEU A 67 8.88 5.45 7.41
C LEU A 67 10.35 5.48 7.83
N LYS A 68 10.75 6.47 8.65
CA LYS A 68 12.15 6.57 9.07
C LYS A 68 12.56 5.34 9.87
N SER A 69 11.63 4.70 10.54
CA SER A 69 11.92 3.53 11.36
C SER A 69 12.08 2.26 10.54
N LEU A 70 11.78 2.28 9.25
CA LEU A 70 11.76 1.05 8.45
C LEU A 70 12.97 1.03 7.55
N GLN A 71 13.72 -0.07 7.58
CA GLN A 71 14.87 -0.29 6.70
C GLN A 71 14.79 -1.71 6.15
N HIS A 72 14.30 -1.86 4.92
CA HIS A 72 14.09 -3.18 4.37
C HIS A 72 14.11 -3.08 2.85
N ASP A 73 14.59 -4.14 2.19
CA ASP A 73 14.70 -4.10 0.74
C ASP A 73 13.38 -3.84 0.02
N ASN A 74 12.25 -4.21 0.62
CA ASN A 74 10.96 -4.04 -0.04
C ASN A 74 10.11 -2.95 0.59
N ILE A 75 10.77 -1.96 1.18
CA ILE A 75 10.14 -0.74 1.69
C ILE A 75 10.90 0.45 1.12
N VAL A 76 10.17 1.44 0.56
CA VAL A 76 10.85 2.59 -0.04
C VAL A 76 11.71 3.30 1.00
N LYS A 77 12.86 3.80 0.54
CA LYS A 77 13.85 4.34 1.48
C LYS A 77 13.51 5.77 1.87
N TYR A 78 13.44 6.01 3.19
CA TYR A 78 13.39 7.35 3.75
C TYR A 78 14.74 8.00 3.52
N LYS A 79 14.74 9.29 3.13
CA LYS A 79 15.99 10.04 3.08
C LYS A 79 16.04 11.17 4.08
N GLY A 80 14.93 11.85 4.33
CA GLY A 80 14.96 12.92 5.32
C GLY A 80 13.70 13.75 5.22
N VAL A 81 13.75 14.93 5.83
CA VAL A 81 12.61 15.85 5.84
C VAL A 81 13.14 17.19 5.39
N CYS A 82 12.30 17.94 4.67
CA CYS A 82 12.61 19.33 4.38
C CYS A 82 11.63 20.18 5.18
N TYR A 83 12.15 21.05 6.05
CA TYR A 83 11.31 21.93 6.87
C TYR A 83 11.21 23.23 6.08
N SER A 84 10.27 23.24 5.15
CA SER A 84 10.11 24.34 4.23
C SER A 84 9.29 25.48 4.83
N ALA A 85 9.09 26.50 4.03
CA ALA A 85 8.39 27.70 4.47
C ALA A 85 9.06 28.30 5.70
N GLY A 86 10.39 28.33 5.70
CA GLY A 86 11.10 28.91 6.82
C GLY A 86 10.95 28.08 8.08
N ARG A 87 10.95 26.77 7.92
CA ARG A 87 10.79 25.78 8.98
C ARG A 87 9.42 25.88 9.64
N ARG A 88 8.41 26.16 8.80
CA ARG A 88 7.00 26.28 9.28
C ARG A 88 6.13 25.23 8.58
N ASN A 89 6.74 24.31 7.83
CA ASN A 89 6.01 23.28 7.12
C ASN A 89 6.91 22.07 7.02
N LEU A 90 6.35 20.91 6.64
CA LEU A 90 7.09 19.64 6.51
C LEU A 90 6.86 19.02 5.14
N LYS A 91 7.93 18.54 4.57
CA LYS A 91 7.83 17.65 3.40
C LYS A 91 8.75 16.45 3.60
N LEU A 92 8.33 15.28 3.12
CA LEU A 92 9.04 14.03 3.36
C LEU A 92 9.85 13.71 2.11
N ILE A 93 11.14 13.44 2.29
CA ILE A 93 12.05 13.15 1.20
C ILE A 93 12.34 11.65 1.16
N MET A 94 12.18 11.03 -0.02
CA MET A 94 12.38 9.60 -0.22
C MET A 94 13.18 9.33 -1.48
N GLU A 95 13.71 8.10 -1.60
CA GLU A 95 14.33 7.75 -2.87
C GLU A 95 13.27 7.77 -3.98
N TYR A 96 13.71 8.16 -5.17
CA TYR A 96 12.88 8.08 -6.37
C TYR A 96 13.03 6.71 -7.01
N LEU A 97 11.90 6.03 -7.18
CA LEU A 97 11.92 4.71 -7.80
C LEU A 97 11.52 4.83 -9.26
N PRO A 98 12.38 4.46 -10.20
CA PRO A 98 12.21 4.96 -11.58
C PRO A 98 11.06 4.36 -12.36
N TYR A 99 10.47 3.25 -11.94
CA TYR A 99 9.40 2.68 -12.74
C TYR A 99 8.01 2.96 -12.23
N GLY A 100 7.85 3.73 -11.18
CA GLY A 100 6.52 4.17 -10.77
C GLY A 100 5.69 3.12 -10.07
N SER A 101 4.37 3.33 -10.03
CA SER A 101 3.53 2.39 -9.30
C SER A 101 3.42 1.05 -10.02
N LEU A 102 3.34 -0.01 -9.22
CA LEU A 102 3.11 -1.32 -9.79
C LEU A 102 1.79 -1.38 -10.56
N ARG A 103 0.74 -0.68 -10.09
CA ARG A 103 -0.53 -0.69 -10.81
C ARG A 103 -0.31 -0.23 -12.26
N ASP A 104 0.44 0.85 -12.47
CA ASP A 104 0.66 1.32 -13.84
C ASP A 104 1.66 0.45 -14.59
N TYR A 105 2.67 -0.05 -13.89
CA TYR A 105 3.71 -0.84 -14.54
C TYR A 105 3.14 -2.13 -15.07
N LEU A 106 2.24 -2.74 -14.31
CA LEU A 106 1.63 -4.00 -14.74
C LEU A 106 0.84 -3.79 -16.01
N GLN A 107 0.14 -2.66 -16.13
CA GLN A 107 -0.60 -2.43 -17.38
C GLN A 107 0.35 -2.14 -18.53
N LYS A 108 1.37 -1.35 -18.28
CA LYS A 108 2.29 -0.96 -19.34
C LYS A 108 3.10 -2.15 -19.84
N HIS A 109 3.43 -3.11 -18.96
CA HIS A 109 4.35 -4.19 -19.27
C HIS A 109 3.72 -5.56 -19.14
N LYS A 110 2.39 -5.65 -19.19
CA LYS A 110 1.77 -6.96 -19.00
C LYS A 110 2.32 -7.99 -19.97
N GLU A 111 2.70 -7.57 -21.17
CA GLU A 111 3.15 -8.56 -22.18
C GLU A 111 4.48 -9.18 -21.86
N ARG A 112 5.24 -8.65 -20.92
CA ARG A 112 6.49 -9.27 -20.48
C ARG A 112 6.40 -9.88 -19.08
N ILE A 113 5.23 -9.85 -18.46
CA ILE A 113 5.09 -10.27 -17.05
C ILE A 113 4.27 -11.56 -17.03
N ASP A 114 4.92 -12.70 -16.70
CA ASP A 114 4.23 -13.97 -16.64
C ASP A 114 3.91 -14.30 -15.17
N HIS A 115 3.38 -15.50 -14.94
CA HIS A 115 2.98 -15.86 -13.58
C HIS A 115 4.16 -15.88 -12.62
N ILE A 116 5.30 -16.43 -13.03
CA ILE A 116 6.41 -16.49 -12.09
C ILE A 116 6.87 -15.08 -11.73
N LYS A 117 6.73 -14.12 -12.65
CA LYS A 117 7.08 -12.74 -12.30
C LYS A 117 6.07 -12.15 -11.32
N LEU A 118 4.77 -12.43 -11.55
CA LEU A 118 3.78 -11.95 -10.57
C LEU A 118 4.05 -12.55 -9.19
N LEU A 119 4.50 -13.81 -9.14
CA LEU A 119 4.80 -14.42 -7.84
C LEU A 119 6.03 -13.82 -7.21
N GLN A 120 7.01 -13.36 -8.00
CA GLN A 120 8.14 -12.65 -7.40
C GLN A 120 7.67 -11.36 -6.74
N TYR A 121 6.76 -10.65 -7.43
CA TYR A 121 6.19 -9.38 -6.90
C TYR A 121 5.41 -9.69 -5.61
N THR A 122 4.67 -10.81 -5.60
CA THR A 122 3.89 -11.24 -4.45
C THR A 122 4.78 -11.53 -3.27
N SER A 123 5.86 -12.28 -3.50
CA SER A 123 6.83 -12.62 -2.46
C SER A 123 7.44 -11.36 -1.82
N GLN A 124 7.79 -10.38 -2.64
CA GLN A 124 8.46 -9.18 -2.13
C GLN A 124 7.50 -8.33 -1.32
N ILE A 125 6.25 -8.20 -1.75
CA ILE A 125 5.27 -7.49 -0.95
C ILE A 125 5.07 -8.21 0.38
N CYS A 126 5.00 -9.54 0.35
CA CYS A 126 4.81 -10.30 1.56
C CYS A 126 5.94 -10.05 2.55
N LYS A 127 7.19 -10.03 2.05
CA LYS A 127 8.34 -9.83 2.93
C LYS A 127 8.35 -8.43 3.53
N GLY A 128 7.97 -7.42 2.73
CA GLY A 128 7.82 -6.09 3.31
C GLY A 128 6.78 -6.09 4.42
N MET A 129 5.70 -6.85 4.24
CA MET A 129 4.65 -6.90 5.27
C MET A 129 5.09 -7.70 6.50
N GLU A 130 5.89 -8.77 6.32
CA GLU A 130 6.44 -9.45 7.50
C GLU A 130 7.23 -8.46 8.32
N TYR A 131 8.03 -7.64 7.62
CA TYR A 131 8.87 -6.70 8.32
C TYR A 131 8.02 -5.65 9.06
N LEU A 132 6.97 -5.12 8.40
CA LEU A 132 6.09 -4.17 9.07
CA LEU A 132 6.09 -4.16 9.10
C LEU A 132 5.50 -4.75 10.35
N GLY A 133 5.07 -6.01 10.30
CA GLY A 133 4.47 -6.64 11.46
C GLY A 133 5.41 -6.72 12.65
N THR A 134 6.72 -6.84 12.39
CA THR A 134 7.67 -6.87 13.50
C THR A 134 7.74 -5.56 14.28
N LYS A 135 7.32 -4.45 13.67
CA LYS A 135 7.20 -3.15 14.32
C LYS A 135 5.81 -2.90 14.88
N ARG A 136 4.89 -3.87 14.71
CA ARG A 136 3.50 -3.75 15.15
C ARG A 136 2.78 -2.64 14.39
N TYR A 137 3.17 -2.44 13.14
CA TYR A 137 2.53 -1.51 12.24
C TYR A 137 1.47 -2.22 11.40
N ILE A 138 0.31 -1.58 11.27
CA ILE A 138 -0.78 -2.07 10.44
C ILE A 138 -0.88 -1.12 9.26
N HIS A 139 -0.72 -1.64 8.06
CA HIS A 139 -0.59 -0.78 6.89
C HIS A 139 -1.90 -0.11 6.53
N ARG A 140 -3.00 -0.88 6.45
CA ARG A 140 -4.35 -0.40 6.24
C ARG A 140 -4.64 0.11 4.83
N ASP A 141 -3.70 0.04 3.89
CA ASP A 141 -3.96 0.54 2.55
C ASP A 141 -3.15 -0.25 1.52
N LEU A 142 -3.05 -1.57 1.69
CA LEU A 142 -2.32 -2.36 0.73
C LEU A 142 -3.12 -2.47 -0.54
N ALA A 143 -2.49 -2.11 -1.64
CA ALA A 143 -3.09 -2.09 -2.96
C ALA A 143 -1.97 -1.84 -3.95
N THR A 144 -2.14 -2.30 -5.20
CA THR A 144 -1.06 -2.11 -6.16
C THR A 144 -0.75 -0.66 -6.44
N ARG A 145 -1.70 0.26 -6.23
CA ARG A 145 -1.40 1.67 -6.41
C ARG A 145 -0.38 2.17 -5.39
N ASN A 146 -0.16 1.43 -4.29
CA ASN A 146 0.75 1.84 -3.22
C ASN A 146 2.01 1.00 -3.19
N ILE A 147 2.28 0.25 -4.27
CA ILE A 147 3.52 -0.49 -4.44
C ILE A 147 4.30 0.17 -5.58
N LEU A 148 5.62 0.31 -5.43
CA LEU A 148 6.43 0.99 -6.41
C LEU A 148 7.45 0.03 -7.00
N VAL A 149 7.91 0.32 -8.21
CA VAL A 149 8.81 -0.59 -8.93
C VAL A 149 10.17 0.09 -9.03
N GLU A 150 11.20 -0.55 -8.47
CA GLU A 150 12.56 -0.01 -8.58
C GLU A 150 13.21 -0.43 -9.87
N ASN A 151 13.05 -1.71 -10.23
CA ASN A 151 13.55 -2.27 -11.46
C ASN A 151 12.75 -3.55 -11.72
N GLU A 152 13.07 -4.23 -12.83
CA GLU A 152 12.25 -5.36 -13.26
C GLU A 152 12.24 -6.47 -12.22
N ASN A 153 13.19 -6.48 -11.29
CA ASN A 153 13.25 -7.53 -10.27
C ASN A 153 13.03 -7.05 -8.84
N ARG A 154 12.59 -5.81 -8.61
CA ARG A 154 12.44 -5.33 -7.23
C ARG A 154 11.26 -4.38 -7.13
N VAL A 155 10.29 -4.71 -6.27
CA VAL A 155 9.21 -3.80 -5.90
C VAL A 155 9.32 -3.48 -4.42
N LYS A 156 8.67 -2.36 -4.02
CA LYS A 156 8.72 -1.91 -2.64
C LYS A 156 7.39 -1.33 -2.24
N ILE A 157 6.99 -1.53 -0.99
CA ILE A 157 5.82 -0.82 -0.52
C ILE A 157 6.17 0.66 -0.47
N GLY A 158 5.31 1.52 -1.04
CA GLY A 158 5.70 2.89 -1.38
C GLY A 158 5.05 3.99 -0.58
N ASP A 159 4.02 3.68 0.18
CA ASP A 159 3.31 4.73 0.90
C ASP A 159 2.79 4.16 2.20
N PHE A 160 2.73 5.02 3.24
CA PHE A 160 2.38 4.62 4.60
C PHE A 160 1.42 5.63 5.23
N GLY A 161 0.65 6.32 4.40
CA GLY A 161 -0.20 7.41 4.86
C GLY A 161 -1.30 6.99 5.80
N LEU A 162 -1.73 5.73 5.77
CA LEU A 162 -2.79 5.22 6.65
C LEU A 162 -2.27 4.27 7.71
N THR A 163 -0.95 4.09 7.79
CA THR A 163 -0.39 3.09 8.69
C THR A 163 -0.55 3.53 10.15
N LYS A 164 -0.89 2.58 11.00
CA LYS A 164 -1.11 2.84 12.42
C LYS A 164 -0.25 1.87 13.23
N VAL A 165 0.13 2.30 14.40
CA VAL A 165 0.84 1.40 15.31
C VAL A 165 -0.15 0.78 16.25
N LEU A 166 -0.04 -0.54 16.47
CA LEU A 166 -0.96 -1.19 17.39
C LEU A 166 -0.80 -0.62 18.80
N PRO A 167 -1.90 -0.56 19.57
CA PRO A 167 -1.77 -0.28 21.00
C PRO A 167 -0.88 -1.35 21.63
N GLN A 168 -0.24 -0.99 22.75
CA GLN A 168 0.68 -1.94 23.37
C GLN A 168 -0.02 -3.22 23.80
N ASP A 169 -1.28 -3.12 24.19
CA ASP A 169 -1.95 -4.25 24.82
C ASP A 169 -3.04 -4.87 23.94
N LYS A 170 -2.98 -4.66 22.63
CA LYS A 170 -4.10 -5.05 21.77
C LYS A 170 -3.54 -5.55 20.43
N GLU A 171 -4.28 -6.45 19.80
CA GLU A 171 -3.87 -6.96 18.47
C GLU A 171 -4.69 -6.29 17.36
N PTR A 172 -5.47 -5.25 17.66
CA PTR A 172 -6.17 -4.52 16.61
C PTR A 172 -6.15 -3.05 16.97
O PTR A 172 -5.96 -2.71 18.16
CB PTR A 172 -7.63 -4.99 16.45
CG PTR A 172 -8.45 -4.84 17.70
CD1 PTR A 172 -8.59 -5.88 18.61
CD2 PTR A 172 -9.09 -3.63 17.99
CE1 PTR A 172 -9.34 -5.73 19.77
CE2 PTR A 172 -9.83 -3.47 19.16
CZ PTR A 172 -9.96 -4.52 20.03
OH PTR A 172 -10.65 -4.29 21.11
P PTR A 172 -11.56 -5.37 21.86
O1P PTR A 172 -12.21 -4.64 22.98
O2P PTR A 172 -12.58 -5.98 20.89
O3P PTR A 172 -10.68 -6.50 22.43
N TYR A 173 -6.31 -2.21 15.96
CA TYR A 173 -6.45 -0.77 16.10
C TYR A 173 -7.87 -0.48 15.64
N LYS A 174 -8.64 0.20 16.48
CA LYS A 174 -10.00 0.60 16.13
C LYS A 174 -9.97 2.05 15.66
N VAL A 175 -10.33 2.26 14.40
CA VAL A 175 -10.42 3.59 13.82
C VAL A 175 -11.72 4.24 14.25
N LYS A 176 -11.65 5.50 14.66
CA LYS A 176 -12.88 6.19 15.03
C LYS A 176 -13.52 6.77 13.78
N GLU A 177 -13.28 8.04 13.52
CA GLU A 177 -13.82 8.68 12.35
C GLU A 177 -13.01 8.24 11.14
N PRO A 178 -13.60 7.54 10.18
CA PRO A 178 -12.85 7.08 9.01
C PRO A 178 -12.52 8.26 8.09
N SER A 181 -11.65 5.70 2.76
CA SER A 181 -11.68 4.26 3.03
C SER A 181 -11.73 3.50 1.72
N PRO A 182 -10.70 2.73 1.37
CA PRO A 182 -10.74 1.84 0.20
C PRO A 182 -11.57 0.58 0.48
N ILE A 183 -12.91 0.76 0.51
CA ILE A 183 -13.77 -0.28 1.08
C ILE A 183 -13.64 -1.58 0.35
N PHE A 184 -13.27 -1.57 -0.95
CA PHE A 184 -13.24 -2.82 -1.69
C PHE A 184 -11.98 -3.62 -1.44
N TRP A 185 -11.09 -3.11 -0.59
CA TRP A 185 -9.94 -3.86 -0.12
C TRP A 185 -10.08 -4.26 1.35
N TYR A 186 -11.14 -3.81 2.02
CA TYR A 186 -11.25 -4.01 3.46
C TYR A 186 -11.76 -5.37 3.85
N ALA A 187 -11.19 -5.87 4.94
CA ALA A 187 -11.71 -7.06 5.56
C ALA A 187 -13.10 -6.80 6.16
N PRO A 188 -13.91 -7.84 6.27
CA PRO A 188 -15.27 -7.64 6.79
C PRO A 188 -15.32 -7.00 8.17
N GLU A 189 -14.44 -7.38 9.09
CA GLU A 189 -14.45 -6.80 10.43
C GLU A 189 -13.97 -5.36 10.44
N SER A 190 -13.24 -4.94 9.41
CA SER A 190 -12.95 -3.51 9.28
C SER A 190 -14.20 -2.75 8.87
N LEU A 191 -15.01 -3.34 7.98
CA LEU A 191 -16.28 -2.70 7.59
C LEU A 191 -17.28 -2.68 8.75
N THR A 192 -17.38 -3.77 9.50
CA THR A 192 -18.45 -3.89 10.49
C THR A 192 -18.07 -3.46 11.90
N GLU A 193 -16.76 -3.44 12.24
CA GLU A 193 -16.30 -3.09 13.59
C GLU A 193 -15.20 -2.05 13.60
N SER A 194 -14.77 -1.56 12.43
CA SER A 194 -13.70 -0.58 12.32
C SER A 194 -12.37 -1.10 12.85
N LYS A 195 -12.18 -2.42 12.84
CA LYS A 195 -11.00 -3.05 13.44
C LYS A 195 -9.98 -3.38 12.37
N PHE A 196 -8.74 -2.95 12.57
CA PHE A 196 -7.63 -3.19 11.67
C PHE A 196 -6.52 -3.93 12.42
N SER A 197 -5.92 -4.89 11.74
CA SER A 197 -4.96 -5.78 12.39
C SER A 197 -4.02 -6.32 11.34
N VAL A 198 -3.00 -7.08 11.79
CA VAL A 198 -2.20 -7.80 10.82
C VAL A 198 -3.10 -8.67 9.91
N ALA A 199 -4.07 -9.34 10.51
CA ALA A 199 -4.95 -10.21 9.74
C ALA A 199 -5.82 -9.46 8.75
N SER A 200 -6.19 -8.21 9.05
CA SER A 200 -6.89 -7.45 7.99
C SER A 200 -5.94 -7.02 6.89
N ASP A 201 -4.64 -6.80 7.22
CA ASP A 201 -3.68 -6.60 6.14
C ASP A 201 -3.55 -7.86 5.27
N VAL A 202 -3.63 -9.04 5.88
CA VAL A 202 -3.59 -10.27 5.10
C VAL A 202 -4.80 -10.37 4.15
N TRP A 203 -6.00 -10.03 4.64
CA TRP A 203 -7.15 -9.95 3.73
C TRP A 203 -6.85 -9.04 2.55
N SER A 204 -6.37 -7.82 2.85
CA SER A 204 -6.09 -6.88 1.77
C SER A 204 -5.00 -7.40 0.85
N PHE A 205 -4.00 -8.10 1.39
CA PHE A 205 -2.99 -8.74 0.55
C PHE A 205 -3.61 -9.71 -0.44
N GLY A 206 -4.65 -10.45 -0.01
CA GLY A 206 -5.37 -11.29 -0.96
C GLY A 206 -5.93 -10.50 -2.12
N VAL A 207 -6.45 -9.29 -1.82
CA VAL A 207 -6.95 -8.42 -2.88
C VAL A 207 -5.81 -7.97 -3.77
N VAL A 208 -4.64 -7.64 -3.19
CA VAL A 208 -3.49 -7.28 -4.02
C VAL A 208 -3.13 -8.43 -4.96
N LEU A 209 -3.13 -9.67 -4.44
CA LEU A 209 -2.80 -10.85 -5.26
C LEU A 209 -3.81 -10.99 -6.40
N TYR A 210 -5.12 -10.79 -6.11
CA TYR A 210 -6.11 -10.75 -7.17
C TYR A 210 -5.76 -9.66 -8.19
N GLU A 211 -5.46 -8.44 -7.71
CA GLU A 211 -5.15 -7.37 -8.66
C GLU A 211 -4.01 -7.78 -9.58
N LEU A 212 -2.94 -8.36 -9.01
CA LEU A 212 -1.80 -8.73 -9.84
C LEU A 212 -2.23 -9.67 -10.96
N PHE A 213 -3.01 -10.68 -10.61
CA PHE A 213 -3.40 -11.67 -11.60
C PHE A 213 -4.48 -11.19 -12.58
N THR A 214 -5.11 -10.04 -12.33
CA THR A 214 -5.93 -9.40 -13.37
C THR A 214 -5.12 -8.55 -14.33
N TYR A 215 -3.85 -8.23 -14.02
CA TYR A 215 -3.03 -7.34 -14.85
C TYR A 215 -3.64 -5.93 -14.98
N ILE A 216 -4.55 -5.61 -14.09
CA ILE A 216 -5.25 -4.34 -13.98
C ILE A 216 -6.04 -4.15 -15.28
N GLU A 217 -6.61 -5.24 -15.80
CA GLU A 217 -7.46 -5.14 -16.99
C GLU A 217 -8.73 -4.38 -16.69
N LYS A 218 -9.18 -3.64 -17.71
CA LYS A 218 -10.40 -2.86 -17.60
C LYS A 218 -11.55 -3.76 -17.19
N SER A 219 -12.31 -3.30 -16.21
CA SER A 219 -13.52 -3.91 -15.71
C SER A 219 -13.23 -5.02 -14.72
N LYS A 220 -11.97 -5.38 -14.46
CA LYS A 220 -11.65 -6.44 -13.54
C LYS A 220 -11.20 -5.92 -12.16
N SER A 221 -11.18 -4.62 -11.94
CA SER A 221 -10.70 -4.10 -10.66
C SER A 221 -11.64 -4.52 -9.54
N PRO A 222 -11.17 -4.55 -8.30
CA PRO A 222 -12.07 -4.89 -7.20
C PRO A 222 -13.32 -4.01 -7.14
N PRO A 223 -13.21 -2.68 -7.26
CA PRO A 223 -14.45 -1.87 -7.27
C PRO A 223 -15.36 -2.27 -8.42
N ALA A 224 -14.83 -2.49 -9.63
CA ALA A 224 -15.72 -2.82 -10.74
C ALA A 224 -16.40 -4.18 -10.53
N GLU A 225 -15.65 -5.18 -10.05
CA GLU A 225 -16.24 -6.50 -9.85
C GLU A 225 -17.26 -6.50 -8.72
N PHE A 226 -16.91 -5.92 -7.56
CA PHE A 226 -17.89 -5.85 -6.48
C PHE A 226 -19.13 -5.07 -6.89
N MET A 227 -18.98 -3.92 -7.58
CA MET A 227 -20.17 -3.21 -8.04
C MET A 227 -20.99 -4.01 -9.04
N ARG A 228 -20.35 -4.80 -9.90
CA ARG A 228 -21.15 -5.62 -10.80
C ARG A 228 -21.95 -6.66 -10.02
N MET A 229 -21.38 -7.22 -8.95
CA MET A 229 -22.11 -8.18 -8.12
C MET A 229 -23.21 -7.50 -7.31
N ILE A 230 -22.93 -6.33 -6.76
CA ILE A 230 -23.89 -5.62 -5.91
C ILE A 230 -25.01 -5.01 -6.75
N GLY A 231 -24.68 -4.44 -7.90
CA GLY A 231 -25.60 -3.74 -8.77
C GLY A 231 -25.07 -2.34 -9.01
N ASN A 232 -24.76 -2.03 -10.27
CA ASN A 232 -24.00 -0.81 -10.60
C ASN A 232 -24.76 0.47 -10.32
N ASP A 233 -26.08 0.42 -10.28
CA ASP A 233 -26.92 1.58 -10.05
C ASP A 233 -27.01 1.99 -8.58
N LYS A 234 -26.55 1.15 -7.66
CA LYS A 234 -26.63 1.49 -6.25
C LYS A 234 -25.68 2.62 -5.88
N GLN A 235 -26.08 3.38 -4.87
CA GLN A 235 -25.34 4.58 -4.48
C GLN A 235 -25.33 4.73 -2.98
N GLY A 236 -24.28 5.37 -2.49
CA GLY A 236 -24.19 5.71 -1.09
C GLY A 236 -24.11 4.47 -0.21
N GLN A 237 -24.66 4.61 0.99
CA GLN A 237 -24.45 3.58 2.00
C GLN A 237 -25.05 2.24 1.62
N MET A 238 -26.08 2.21 0.77
CA MET A 238 -26.62 0.93 0.34
C MET A 238 -25.53 0.05 -0.24
N ILE A 239 -24.55 0.64 -0.92
CA ILE A 239 -23.44 -0.15 -1.45
C ILE A 239 -22.71 -0.87 -0.30
N VAL A 240 -22.36 -0.14 0.75
CA VAL A 240 -21.67 -0.73 1.88
C VAL A 240 -22.52 -1.83 2.50
N PHE A 241 -23.83 -1.58 2.63
CA PHE A 241 -24.67 -2.57 3.27
C PHE A 241 -24.64 -3.85 2.45
N HIS A 242 -24.71 -3.71 1.13
CA HIS A 242 -24.68 -4.90 0.28
C HIS A 242 -23.32 -5.55 0.30
N LEU A 243 -22.24 -4.76 0.38
CA LEU A 243 -20.91 -5.38 0.41
C LEU A 243 -20.72 -6.20 1.68
N ILE A 244 -21.19 -5.68 2.80
CA ILE A 244 -21.10 -6.42 4.06
C ILE A 244 -21.84 -7.74 3.93
N GLU A 245 -23.09 -7.68 3.43
CA GLU A 245 -23.92 -8.88 3.34
C GLU A 245 -23.28 -9.87 2.39
N LEU A 246 -22.74 -9.36 1.27
CA LEU A 246 -22.07 -10.22 0.30
C LEU A 246 -20.88 -10.92 0.94
N LEU A 247 -20.01 -10.19 1.64
CA LEU A 247 -18.80 -10.82 2.16
C LEU A 247 -19.14 -11.79 3.27
N LYS A 248 -20.12 -11.46 4.10
CA LYS A 248 -20.43 -12.33 5.23
C LYS A 248 -20.89 -13.69 4.79
N ASN A 249 -21.53 -13.75 3.63
CA ASN A 249 -22.08 -14.99 3.12
C ASN A 249 -21.29 -15.53 1.95
N ASN A 250 -19.99 -15.28 1.93
CA ASN A 250 -19.03 -15.96 1.08
C ASN A 250 -18.97 -15.44 -0.34
N GLY A 251 -19.52 -14.26 -0.64
CA GLY A 251 -19.30 -13.67 -1.94
C GLY A 251 -17.85 -13.20 -2.01
N ARG A 252 -17.23 -13.39 -3.18
CA ARG A 252 -15.81 -13.13 -3.34
C ARG A 252 -15.56 -12.70 -4.76
N LEU A 253 -14.46 -11.95 -4.92
CA LEU A 253 -13.95 -11.66 -6.25
C LEU A 253 -13.70 -12.97 -7.00
N PRO A 254 -13.92 -12.97 -8.31
CA PRO A 254 -13.77 -14.21 -9.10
C PRO A 254 -12.32 -14.53 -9.35
N ARG A 255 -12.08 -15.76 -9.74
CA ARG A 255 -10.74 -16.12 -10.19
C ARG A 255 -10.42 -15.36 -11.47
N PRO A 256 -9.34 -14.57 -11.52
CA PRO A 256 -9.00 -13.88 -12.77
C PRO A 256 -8.76 -14.83 -13.92
N ASP A 257 -9.00 -14.32 -15.13
CA ASP A 257 -8.73 -15.09 -16.34
C ASP A 257 -7.30 -15.57 -16.33
N GLY A 258 -7.12 -16.88 -16.55
CA GLY A 258 -5.78 -17.44 -16.65
C GLY A 258 -5.13 -17.72 -15.30
N CYS A 259 -5.78 -17.38 -14.21
CA CYS A 259 -5.12 -17.55 -12.91
C CYS A 259 -5.13 -19.03 -12.51
N PRO A 260 -3.99 -19.59 -12.10
CA PRO A 260 -3.99 -20.97 -11.63
C PRO A 260 -4.86 -21.17 -10.40
N ASP A 261 -5.44 -22.37 -10.32
CA ASP A 261 -6.28 -22.67 -9.16
C ASP A 261 -5.49 -22.54 -7.87
N GLU A 262 -4.24 -22.96 -7.87
CA GLU A 262 -3.45 -22.89 -6.64
C GLU A 262 -3.30 -21.46 -6.13
N ILE A 263 -3.19 -20.50 -7.05
CA ILE A 263 -3.02 -19.13 -6.64
C ILE A 263 -4.36 -18.54 -6.19
N TYR A 264 -5.44 -18.89 -6.88
CA TYR A 264 -6.77 -18.47 -6.39
C TYR A 264 -7.02 -19.04 -5.01
N MET A 265 -6.55 -20.26 -4.74
CA MET A 265 -6.71 -20.81 -3.40
C MET A 265 -6.00 -19.99 -2.34
N ILE A 266 -4.81 -19.46 -2.66
CA ILE A 266 -4.16 -18.53 -1.73
C ILE A 266 -5.03 -17.31 -1.48
N MET A 267 -5.57 -16.72 -2.56
CA MET A 267 -6.48 -15.58 -2.35
C MET A 267 -7.63 -15.94 -1.43
N THR A 268 -8.29 -17.08 -1.71
CA THR A 268 -9.45 -17.46 -0.91
C THR A 268 -9.09 -17.72 0.52
N GLU A 269 -7.89 -18.24 0.82
CA GLU A 269 -7.49 -18.44 2.20
C GLU A 269 -7.22 -17.13 2.92
N CYS A 270 -6.74 -16.12 2.20
CA CYS A 270 -6.58 -14.81 2.80
C CYS A 270 -7.94 -14.21 3.09
N TRP A 271 -8.92 -14.50 2.23
CA TRP A 271 -10.27 -13.94 2.42
C TRP A 271 -11.13 -14.83 3.30
N ASN A 272 -10.63 -15.15 4.46
CA ASN A 272 -11.41 -15.94 5.41
C ASN A 272 -12.15 -14.97 6.34
N ASN A 273 -13.46 -15.16 6.53
CA ASN A 273 -14.13 -14.32 7.51
C ASN A 273 -13.64 -14.59 8.94
N ASN A 274 -13.10 -15.77 9.19
CA ASN A 274 -12.53 -16.07 10.51
C ASN A 274 -11.13 -15.46 10.57
N VAL A 275 -10.99 -14.38 11.34
CA VAL A 275 -9.76 -13.58 11.36
C VAL A 275 -8.56 -14.45 11.72
N ASN A 276 -8.68 -15.29 12.75
CA ASN A 276 -7.54 -16.09 13.23
C ASN A 276 -7.18 -17.21 12.28
N GLN A 277 -8.03 -17.57 11.34
CA GLN A 277 -7.73 -18.63 10.40
C GLN A 277 -6.98 -18.14 9.16
N ARG A 278 -6.84 -16.85 8.95
CA ARG A 278 -6.10 -16.38 7.81
C ARG A 278 -4.63 -16.74 8.00
N PRO A 279 -3.91 -17.01 6.92
CA PRO A 279 -2.49 -17.33 7.04
C PRO A 279 -1.71 -16.11 7.46
N SER A 280 -0.52 -16.36 8.02
CA SER A 280 0.39 -15.25 8.34
C SER A 280 1.18 -14.82 7.11
N PHE A 281 1.77 -13.61 7.16
CA PHE A 281 2.66 -13.22 6.06
C PHE A 281 3.86 -14.16 5.93
N ARG A 282 4.37 -14.71 7.03
CA ARG A 282 5.47 -15.67 6.94
C ARG A 282 5.01 -16.93 6.20
N ASP A 283 3.82 -17.44 6.54
CA ASP A 283 3.26 -18.60 5.82
C ASP A 283 3.18 -18.31 4.34
N LEU A 284 2.66 -17.13 4.00
CA LEU A 284 2.44 -16.78 2.60
C LEU A 284 3.76 -16.65 1.86
N ALA A 285 4.77 -15.99 2.45
CA ALA A 285 6.01 -15.83 1.73
C ALA A 285 6.64 -17.20 1.43
N LEU A 286 6.62 -18.12 2.43
CA LEU A 286 7.20 -19.44 2.17
C LEU A 286 6.39 -20.19 1.13
N ARG A 287 5.07 -20.10 1.19
CA ARG A 287 4.25 -20.87 0.27
C ARG A 287 4.49 -20.37 -1.16
N VAL A 288 4.48 -19.06 -1.35
CA VAL A 288 4.72 -18.49 -2.66
C VAL A 288 6.14 -18.79 -3.16
N ASP A 289 7.16 -18.68 -2.30
CA ASP A 289 8.51 -18.97 -2.75
C ASP A 289 8.69 -20.44 -3.07
N GLN A 290 7.98 -21.32 -2.36
CA GLN A 290 8.07 -22.75 -2.69
C GLN A 290 7.37 -23.02 -4.01
N ILE A 291 6.22 -22.39 -4.25
CA ILE A 291 5.60 -22.50 -5.59
C ILE A 291 6.56 -22.05 -6.68
N ARG A 292 7.19 -20.88 -6.52
CA ARG A 292 8.12 -20.40 -7.53
C ARG A 292 9.26 -21.37 -7.73
N ASP A 293 9.81 -21.89 -6.62
CA ASP A 293 10.97 -22.75 -6.69
C ASP A 293 10.63 -24.11 -7.30
N ASN A 294 9.39 -24.56 -7.10
CA ASN A 294 8.96 -25.86 -7.62
C ASN A 294 8.50 -25.77 -9.07
N MET A 295 8.37 -24.58 -9.63
CA MET A 295 7.90 -24.46 -11.03
C MET A 295 9.01 -24.79 -12.00
C10 4LY B . 4.07 7.67 -4.67
C13 4LY B . 7.27 7.59 -4.94
C17 4LY B . 7.24 7.67 -3.52
C21 4LY B . 7.70 7.36 -10.02
C22 4LY B . 8.42 7.16 -11.16
C26 4LY B . 5.81 7.64 -13.88
C28 4LY B . 5.10 6.49 -15.99
C04 4LY B . 0.46 8.27 -4.64
C05 4LY B . 1.66 7.64 -4.26
C06 4LY B . 1.32 6.13 -4.29
C07 4LY B . 2.40 5.20 -3.80
C11 4LY B . 4.84 7.87 -5.80
C12 4LY B . 6.35 7.72 -5.99
C14 4LY B . 8.59 7.35 -5.29
C16 4LY B . 8.53 7.48 -3.10
C19 4LY B . 8.02 7.37 -7.49
C23 4LY B . 7.80 7.27 -12.39
C25 4LY B . 6.46 7.57 -12.49
C27 4LY B . 5.67 6.37 -14.65
C30 4LY B . 3.55 7.71 -17.21
C31 4LY B . 4.53 8.79 -15.77
C32 4LY B . 5.21 8.80 -14.25
C33 4LY B . 5.74 7.76 -11.35
C35 4LY B . 6.34 7.66 -10.09
C37 4LY B . 4.01 8.05 -6.89
C39 4LY B . 1.70 8.14 -2.91
C40 4LY B . -1.77 10.48 -2.34
C41 4LY B . -2.60 9.70 -3.35
F24 4LY B . 8.54 7.05 -13.49
F34 4LY B . 4.41 8.07 -11.35
N03 4LY B . 0.45 8.87 -3.29
N08 4LY B . 3.28 4.62 -3.38
N09 4LY B . 2.81 7.78 -5.04
N15 4LY B . 9.33 7.27 -4.17
N18 4LY B . 8.94 7.24 -6.57
N20 4LY B . 8.48 7.22 -8.83
N29 4LY B . 4.07 7.67 -16.07
N36 4LY B . 6.76 7.57 -7.25
N38 4LY B . 2.75 8.02 -6.38
O01 4LY B . 0.84 10.97 -1.89
O42 4LY B . 0.06 11.23 -4.11
S02 4LY B . -0.04 10.45 -2.91
#